data_5O33
#
_entry.id   5O33
#
_cell.length_a   63.255
_cell.length_b   63.255
_cell.length_c   346.704
_cell.angle_alpha   90.00
_cell.angle_beta   90.00
_cell.angle_gamma   120.00
#
_symmetry.space_group_name_H-M   'P 65 2 2'
#
loop_
_entity.id
_entity.type
_entity.pdbx_description
1 polymer 'Ras-related C3 botulinum toxin substrate 1'
2 polymer Kalirin
3 non-polymer 1,2-ETHANEDIOL
4 non-polymer "GUANOSINE-5'-DIPHOSPHATE"
5 water water
#
loop_
_entity_poly.entity_id
_entity_poly.type
_entity_poly.pdbx_seq_one_letter_code
_entity_poly.pdbx_strand_id
1 'polypeptide(L)'
;MQAIKCVVVGDGAVGKTCLLISYTTNAFPGEYIPTVFDNYSANVMVDGKPVNLGLWDTAGQEDYDRLRPLSYPQTDVFLI
CFSLVSPASFENVRAKWYPEVRHHCPNTPIILVGTKLDLRDDKDTIEKLKEKKLTPITYPQGLAMAKEIGAVKYLECSAL
TQRGLKTVFDEAIRAVL
;
A
2 'polypeptide(L)'
;RKKEFIMAELLQTEKAYVRDLHECLETYLWEMTSGVEEIPPGILNKEHIIFGNIQEIYDFHNNIFLKELEKYEQLPEDVG
HCFVTWADKFQMYVTYCKNKPDSNQLILEHAGTFFDEIQQRHGLANSISSYLIKPVQRVTKYQLLLKELLTCCEEGKGEL
KDGLEVMLSVPKKANDAMHV
;
B
#
loop_
_chem_comp.id
_chem_comp.type
_chem_comp.name
_chem_comp.formula
EDO non-polymer 1,2-ETHANEDIOL 'C2 H6 O2'
GDP RNA linking GUANOSINE-5'-DIPHOSPHATE 'C10 H15 N5 O11 P2'
#
# COMPACT_ATOMS: atom_id res chain seq x y z
N MET A 1 12.74 -16.79 -13.87
CA MET A 1 11.48 -17.07 -13.21
C MET A 1 10.46 -15.97 -13.48
N GLN A 2 9.24 -16.37 -13.82
CA GLN A 2 8.16 -15.42 -14.04
C GLN A 2 7.88 -14.59 -12.78
N ALA A 3 7.88 -13.27 -12.93
CA ALA A 3 7.59 -12.35 -11.83
C ALA A 3 6.22 -11.70 -12.01
N ILE A 4 5.46 -11.58 -10.93
CA ILE A 4 4.09 -11.08 -11.03
C ILE A 4 3.83 -9.97 -10.01
N LYS A 5 3.39 -8.81 -10.49
CA LYS A 5 3.02 -7.71 -9.62
C LYS A 5 1.50 -7.69 -9.44
N CYS A 6 1.04 -7.85 -8.20
CA CYS A 6 -0.39 -7.86 -7.89
C CYS A 6 -0.71 -6.72 -6.91
N VAL A 7 -1.63 -5.85 -7.29
CA VAL A 7 -2.00 -4.71 -6.46
C VAL A 7 -3.43 -4.89 -5.94
N VAL A 8 -3.62 -4.63 -4.65
CA VAL A 8 -4.90 -4.82 -3.96
C VAL A 8 -5.57 -3.47 -3.69
N VAL A 9 -6.75 -3.25 -4.28
CA VAL A 9 -7.48 -1.98 -4.12
C VAL A 9 -8.91 -2.19 -3.56
N GLY A 10 -9.53 -1.10 -3.12
CA GLY A 10 -10.88 -1.16 -2.56
C GLY A 10 -11.05 -0.22 -1.36
N ASP A 11 -12.30 0.04 -0.96
CA ASP A 11 -12.61 0.96 0.14
C ASP A 11 -11.86 0.67 1.46
N GLY A 12 -11.73 1.70 2.29
CA GLY A 12 -11.17 1.51 3.60
C GLY A 12 -11.97 0.49 4.39
N ALA A 13 -11.26 -0.36 5.13
CA ALA A 13 -11.87 -1.26 6.08
C ALA A 13 -12.68 -2.39 5.41
N VAL A 14 -12.49 -2.61 4.11
CA VAL A 14 -13.01 -3.84 3.52
C VAL A 14 -12.07 -5.00 3.90
N GLY A 15 -10.92 -4.67 4.50
CA GLY A 15 -10.01 -5.68 5.00
C GLY A 15 -8.86 -6.00 4.06
N LYS A 16 -8.36 -5.01 3.34
CA LYS A 16 -7.24 -5.21 2.42
C LYS A 16 -6.01 -5.72 3.19
N THR A 17 -5.65 -4.98 4.24
CA THR A 17 -4.42 -5.27 4.99
C THR A 17 -4.54 -6.64 5.70
N CYS A 18 -5.71 -6.92 6.26
CA CYS A 18 -5.97 -8.22 6.89
C CYS A 18 -5.88 -9.39 5.94
N LEU A 19 -6.47 -9.21 4.76
CA LEU A 19 -6.40 -10.20 3.71
C LEU A 19 -4.95 -10.58 3.41
N LEU A 20 -4.10 -9.56 3.22
CA LEU A 20 -2.70 -9.76 2.87
C LEU A 20 -1.90 -10.40 4.00
N ILE A 21 -2.08 -9.92 5.24
CA ILE A 21 -1.40 -10.50 6.40
C ILE A 21 -1.82 -11.96 6.64
N SER A 22 -3.11 -12.23 6.52
CA SER A 22 -3.63 -13.54 6.82
C SER A 22 -3.11 -14.56 5.81
N TYR A 23 -3.01 -14.13 4.56
CA TYR A 23 -2.44 -14.97 3.51
C TYR A 23 -0.96 -15.26 3.69
N THR A 24 -0.16 -14.20 3.89
CA THR A 24 1.29 -14.35 3.91
C THR A 24 1.80 -14.98 5.22
N THR A 25 1.05 -14.86 6.31
CA THR A 25 1.49 -15.43 7.59
C THR A 25 0.69 -16.67 7.98
N ASN A 26 -0.31 -16.98 7.18
CA ASN A 26 -1.16 -18.17 7.41
C ASN A 26 -1.98 -18.12 8.69
N ALA A 27 -2.26 -16.92 9.18
CA ALA A 27 -3.10 -16.77 10.37
C ALA A 27 -3.68 -15.36 10.46
N PHE A 28 -4.95 -15.27 10.88
CA PHE A 28 -5.56 -13.98 11.20
C PHE A 28 -4.78 -13.33 12.36
N PRO A 29 -4.54 -12.01 12.31
CA PRO A 29 -3.71 -11.37 13.36
C PRO A 29 -4.41 -11.01 14.70
N GLY A 30 -5.56 -11.62 14.99
CA GLY A 30 -6.39 -11.31 16.16
C GLY A 30 -5.92 -10.41 17.30
N GLU A 31 -4.71 -10.63 17.80
CA GLU A 31 -4.22 -9.90 18.96
C GLU A 31 -4.10 -8.38 18.70
N TYR A 32 -3.77 -8.04 17.46
CA TYR A 32 -3.60 -6.66 17.05
C TYR A 32 -3.57 -6.61 15.55
N ILE A 33 -4.44 -5.81 14.94
CA ILE A 33 -4.45 -5.74 13.48
C ILE A 33 -3.52 -4.64 13.01
N PRO A 34 -2.41 -5.02 12.34
CA PRO A 34 -1.41 -4.03 11.92
C PRO A 34 -2.01 -3.08 10.88
N THR A 35 -1.51 -1.86 10.85
CA THR A 35 -1.91 -0.86 9.88
C THR A 35 -1.03 -0.97 8.63
N VAL A 36 0.20 -1.45 8.79
CA VAL A 36 1.16 -1.40 7.68
C VAL A 36 1.53 -2.79 7.13
N PHE A 37 1.33 -2.98 5.81
CA PHE A 37 1.82 -4.16 5.09
C PHE A 37 2.83 -3.65 4.05
N ASP A 38 4.12 -3.91 4.28
CA ASP A 38 5.15 -3.46 3.32
C ASP A 38 5.12 -4.35 2.06
N ASN A 39 5.52 -3.80 0.92
CA ASN A 39 5.56 -4.55 -0.34
C ASN A 39 6.22 -5.91 -0.11
N TYR A 40 5.59 -6.98 -0.61
CA TYR A 40 5.98 -8.35 -0.31
C TYR A 40 6.31 -9.17 -1.58
N SER A 41 7.31 -10.06 -1.48
CA SER A 41 7.66 -10.99 -2.56
C SER A 41 7.89 -12.39 -2.04
N ALA A 42 7.49 -13.40 -2.81
CA ALA A 42 7.70 -14.79 -2.39
C ALA A 42 7.53 -15.77 -3.54
N ASN A 43 8.42 -16.75 -3.61
CA ASN A 43 8.26 -17.85 -4.56
C ASN A 43 7.09 -18.74 -4.17
N VAL A 44 6.26 -19.06 -5.15
CA VAL A 44 5.10 -19.92 -4.92
C VAL A 44 4.91 -20.87 -6.09
N MET A 45 4.43 -22.07 -5.80
CA MET A 45 4.22 -23.09 -6.83
C MET A 45 2.74 -23.21 -7.18
N VAL A 46 2.44 -23.06 -8.46
CA VAL A 46 1.07 -23.18 -8.94
C VAL A 46 1.02 -24.02 -10.22
N ASP A 47 0.39 -25.19 -10.11
CA ASP A 47 0.25 -26.12 -11.24
C ASP A 47 1.60 -26.54 -11.83
N GLY A 48 2.56 -26.87 -10.97
CA GLY A 48 3.87 -27.31 -11.42
C GLY A 48 4.75 -26.18 -11.92
N LYS A 49 4.22 -24.96 -11.89
CA LYS A 49 4.94 -23.80 -12.37
C LYS A 49 5.46 -22.94 -11.22
N PRO A 50 6.77 -22.66 -11.21
CA PRO A 50 7.40 -21.77 -10.24
C PRO A 50 7.18 -20.30 -10.61
N VAL A 51 6.77 -19.49 -9.65
CA VAL A 51 6.53 -18.07 -9.95
C VAL A 51 6.93 -17.20 -8.76
N ASN A 52 7.34 -15.96 -9.03
CA ASN A 52 7.55 -15.02 -7.95
C ASN A 52 6.42 -14.00 -7.86
N LEU A 53 5.63 -14.10 -6.77
CA LEU A 53 4.43 -13.29 -6.59
C LEU A 53 4.70 -12.07 -5.71
N GLY A 54 4.52 -10.88 -6.29
CA GLY A 54 4.70 -9.64 -5.55
C GLY A 54 3.35 -9.05 -5.17
N LEU A 55 3.23 -8.57 -3.93
CA LEU A 55 1.94 -8.05 -3.43
C LEU A 55 2.12 -6.63 -2.88
N TRP A 56 1.32 -5.69 -3.39
CA TRP A 56 1.33 -4.31 -2.86
C TRP A 56 -0.03 -3.93 -2.26
N ASP A 57 -0.03 -3.46 -1.01
CA ASP A 57 -1.21 -2.89 -0.37
C ASP A 57 -1.43 -1.44 -0.81
N THR A 58 -2.65 -0.93 -0.62
CA THR A 58 -2.96 0.48 -0.91
C THR A 58 -3.69 1.19 0.25
N ALA A 59 -3.82 0.54 1.41
CA ALA A 59 -4.51 1.15 2.55
C ALA A 59 -3.91 2.51 2.91
N GLY A 60 -4.79 3.50 3.13
CA GLY A 60 -4.34 4.84 3.46
C GLY A 60 -4.42 5.79 2.29
N GLN A 61 -4.49 5.25 1.07
CA GLN A 61 -4.53 6.11 -0.11
C GLN A 61 -5.96 6.35 -0.63
N GLU A 62 -6.97 5.82 0.05
CA GLU A 62 -8.35 5.83 -0.48
C GLU A 62 -8.90 7.25 -0.75
N ASP A 63 -8.38 8.26 -0.07
CA ASP A 63 -8.90 9.61 -0.27
C ASP A 63 -8.07 10.51 -1.21
N TYR A 64 -7.07 9.93 -1.87
CA TYR A 64 -6.14 10.73 -2.68
C TYR A 64 -6.11 10.22 -4.12
N ASP A 65 -7.02 10.73 -4.95
CA ASP A 65 -7.29 10.14 -6.26
C ASP A 65 -6.12 10.29 -7.23
N ARG A 66 -5.22 11.24 -6.98
CA ARG A 66 -4.11 11.45 -7.89
C ARG A 66 -2.83 10.78 -7.41
N LEU A 67 -2.82 10.33 -6.15
CA LEU A 67 -1.67 9.60 -5.60
C LEU A 67 -1.82 8.10 -5.83
N ARG A 68 -3.07 7.62 -5.80
CA ARG A 68 -3.34 6.18 -5.98
C ARG A 68 -2.79 5.59 -7.26
N PRO A 69 -2.97 6.29 -8.40
CA PRO A 69 -2.53 5.68 -9.66
C PRO A 69 -1.01 5.60 -9.81
N LEU A 70 -0.24 6.15 -8.87
CA LEU A 70 1.21 6.02 -8.94
C LEU A 70 1.64 4.56 -8.76
N SER A 71 0.79 3.75 -8.12
CA SER A 71 1.08 2.33 -7.92
C SER A 71 0.68 1.44 -9.10
N TYR A 72 -0.08 1.98 -10.06
CA TYR A 72 -0.73 1.14 -11.06
C TYR A 72 0.13 0.70 -12.27
N PRO A 73 1.06 1.56 -12.75
CA PRO A 73 1.83 1.14 -13.95
C PRO A 73 2.60 -0.18 -13.79
N GLN A 74 2.58 -1.00 -14.85
CA GLN A 74 3.22 -2.33 -14.89
C GLN A 74 2.60 -3.39 -13.96
N THR A 75 1.41 -3.15 -13.44
CA THR A 75 0.68 -4.17 -12.69
C THR A 75 0.28 -5.32 -13.62
N ASP A 76 0.46 -6.56 -13.19
CA ASP A 76 0.05 -7.71 -13.99
C ASP A 76 -1.38 -8.21 -13.68
N VAL A 77 -1.83 -8.02 -12.45
CA VAL A 77 -3.20 -8.41 -12.07
C VAL A 77 -3.68 -7.61 -10.85
N PHE A 78 -4.95 -7.22 -10.87
CA PHE A 78 -5.57 -6.45 -9.78
C PHE A 78 -6.54 -7.33 -9.01
N LEU A 79 -6.54 -7.20 -7.68
CA LEU A 79 -7.68 -7.67 -6.87
C LEU A 79 -8.49 -6.43 -6.50
N ILE A 80 -9.72 -6.32 -7.04
CA ILE A 80 -10.62 -5.26 -6.56
C ILE A 80 -11.54 -5.88 -5.48
N CYS A 81 -11.49 -5.32 -4.27
CA CYS A 81 -12.14 -5.91 -3.09
C CYS A 81 -13.30 -5.09 -2.58
N PHE A 82 -14.32 -5.77 -2.07
CA PHE A 82 -15.41 -5.12 -1.31
C PHE A 82 -15.81 -6.07 -0.19
N SER A 83 -16.34 -5.53 0.91
CA SER A 83 -16.85 -6.37 2.00
C SER A 83 -18.28 -6.85 1.71
N LEU A 84 -18.51 -8.16 1.89
CA LEU A 84 -19.84 -8.76 1.68
C LEU A 84 -20.91 -8.26 2.63
N VAL A 85 -20.50 -7.56 3.70
CA VAL A 85 -21.49 -6.96 4.57
C VAL A 85 -21.45 -5.43 4.56
N SER A 86 -20.92 -4.85 3.46
CA SER A 86 -20.97 -3.40 3.22
C SER A 86 -21.44 -3.10 1.80
N PRO A 87 -22.75 -2.92 1.62
CA PRO A 87 -23.26 -2.61 0.27
C PRO A 87 -22.62 -1.36 -0.34
N ALA A 88 -22.27 -0.37 0.48
CA ALA A 88 -21.62 0.83 -0.03
C ALA A 88 -20.27 0.49 -0.69
N SER A 89 -19.48 -0.39 -0.07
CA SER A 89 -18.17 -0.77 -0.63
C SER A 89 -18.37 -1.54 -1.95
N PHE A 90 -19.50 -2.25 -2.06
CA PHE A 90 -19.85 -3.01 -3.27
C PHE A 90 -20.19 -2.05 -4.43
N GLU A 91 -21.05 -1.08 -4.16
CA GLU A 91 -21.37 -0.09 -5.20
C GLU A 91 -20.13 0.68 -5.66
N ASN A 92 -19.18 0.91 -4.74
CA ASN A 92 -17.99 1.67 -5.09
C ASN A 92 -17.06 0.91 -6.05
N VAL A 93 -17.26 -0.41 -6.17
CA VAL A 93 -16.58 -1.19 -7.21
C VAL A 93 -16.89 -0.61 -8.60
N ARG A 94 -18.16 -0.27 -8.80
CA ARG A 94 -18.65 0.31 -10.04
C ARG A 94 -18.41 1.82 -10.14
N ALA A 95 -18.54 2.53 -9.03
CA ALA A 95 -18.47 3.99 -9.07
C ALA A 95 -17.04 4.53 -9.01
N LYS A 96 -16.13 3.78 -8.40
CA LYS A 96 -14.80 4.31 -8.12
C LYS A 96 -13.66 3.43 -8.64
N TRP A 97 -13.63 2.15 -8.25
CA TRP A 97 -12.43 1.34 -8.47
C TRP A 97 -12.24 0.82 -9.92
N TYR A 98 -13.28 0.22 -10.51
CA TYR A 98 -13.13 -0.26 -11.88
C TYR A 98 -12.77 0.86 -12.86
N PRO A 99 -13.46 2.01 -12.77
CA PRO A 99 -13.16 3.06 -13.76
C PRO A 99 -11.70 3.53 -13.75
N GLU A 100 -11.11 3.70 -12.57
CA GLU A 100 -9.76 4.24 -12.53
C GLU A 100 -8.71 3.19 -12.85
N VAL A 101 -8.99 1.95 -12.45
CA VAL A 101 -8.05 0.85 -12.73
C VAL A 101 -7.99 0.57 -14.24
N ARG A 102 -9.15 0.61 -14.90
CA ARG A 102 -9.24 0.28 -16.31
C ARG A 102 -8.71 1.45 -17.16
N HIS A 103 -8.91 2.66 -16.64
CA HIS A 103 -8.40 3.84 -17.34
C HIS A 103 -6.87 3.85 -17.41
N HIS A 104 -6.22 3.49 -16.31
CA HIS A 104 -4.76 3.51 -16.25
C HIS A 104 -4.13 2.23 -16.79
N CYS A 105 -4.87 1.14 -16.71
CA CYS A 105 -4.37 -0.18 -17.11
C CYS A 105 -5.38 -0.90 -18.01
N PRO A 106 -5.50 -0.45 -19.26
CA PRO A 106 -6.54 -0.91 -20.19
C PRO A 106 -6.55 -2.43 -20.45
N ASN A 107 -5.41 -3.10 -20.37
CA ASN A 107 -5.38 -4.51 -20.75
C ASN A 107 -5.20 -5.47 -19.57
N THR A 108 -5.17 -4.95 -18.35
CA THR A 108 -4.80 -5.75 -17.19
C THR A 108 -5.99 -6.50 -16.56
N PRO A 109 -5.83 -7.82 -16.34
CA PRO A 109 -6.95 -8.59 -15.77
C PRO A 109 -7.32 -8.20 -14.34
N ILE A 110 -8.61 -8.31 -14.06
CA ILE A 110 -9.18 -7.97 -12.76
C ILE A 110 -9.87 -9.19 -12.14
N ILE A 111 -9.56 -9.45 -10.87
CA ILE A 111 -10.31 -10.42 -10.09
C ILE A 111 -11.16 -9.66 -9.06
N LEU A 112 -12.47 -9.91 -9.06
CA LEU A 112 -13.35 -9.29 -8.07
C LEU A 112 -13.45 -10.17 -6.81
N VAL A 113 -13.08 -9.61 -5.65
CA VAL A 113 -13.02 -10.35 -4.39
C VAL A 113 -14.02 -9.84 -3.34
N GLY A 114 -14.93 -10.71 -2.88
CA GLY A 114 -15.79 -10.38 -1.75
C GLY A 114 -15.17 -10.85 -0.44
N THR A 115 -14.94 -9.92 0.48
CA THR A 115 -14.25 -10.22 1.76
C THR A 115 -15.22 -10.35 2.95
N LYS A 116 -14.68 -10.78 4.09
CA LYS A 116 -15.48 -10.99 5.33
C LYS A 116 -16.67 -11.95 5.17
N LEU A 117 -16.43 -13.03 4.44
CA LEU A 117 -17.45 -14.05 4.18
C LEU A 117 -18.05 -14.58 5.48
N ASP A 118 -17.22 -14.70 6.51
CA ASP A 118 -17.70 -15.21 7.81
C ASP A 118 -18.84 -14.38 8.44
N LEU A 119 -18.97 -13.12 8.02
CA LEU A 119 -19.99 -12.27 8.63
C LEU A 119 -21.35 -12.29 7.92
N ARG A 120 -21.44 -12.95 6.75
CA ARG A 120 -22.68 -12.86 5.97
C ARG A 120 -23.86 -13.52 6.69
N ASP A 121 -23.58 -14.57 7.47
CA ASP A 121 -24.62 -15.24 8.24
C ASP A 121 -24.55 -14.92 9.74
N ASP A 122 -23.89 -13.81 10.10
CA ASP A 122 -23.78 -13.40 11.50
C ASP A 122 -25.01 -12.61 11.95
N LYS A 123 -25.68 -13.07 13.01
CA LYS A 123 -26.96 -12.50 13.43
C LYS A 123 -26.90 -10.99 13.68
N ASP A 124 -25.92 -10.56 14.47
CA ASP A 124 -25.81 -9.15 14.84
C ASP A 124 -25.51 -8.26 13.64
N THR A 125 -24.65 -8.75 12.75
CA THR A 125 -24.30 -8.03 11.53
C THR A 125 -25.55 -7.80 10.66
N ILE A 126 -26.32 -8.86 10.49
CA ILE A 126 -27.54 -8.80 9.68
C ILE A 126 -28.53 -7.80 10.27
N GLU A 127 -28.69 -7.86 11.59
CA GLU A 127 -29.61 -6.97 12.29
C GLU A 127 -29.22 -5.50 12.18
N LYS A 128 -27.92 -5.21 12.26
CA LYS A 128 -27.44 -3.85 12.11
C LYS A 128 -27.64 -3.31 10.69
N LEU A 129 -27.48 -4.18 9.68
CA LEU A 129 -27.79 -3.81 8.30
C LEU A 129 -29.29 -3.57 8.14
N LYS A 130 -30.10 -4.43 8.78
CA LYS A 130 -31.56 -4.33 8.73
C LYS A 130 -32.04 -2.96 9.22
N GLU A 131 -31.42 -2.48 10.30
CA GLU A 131 -31.78 -1.19 10.88
C GLU A 131 -31.58 -0.06 9.88
N LYS A 132 -30.76 -0.30 8.87
CA LYS A 132 -30.49 0.68 7.83
C LYS A 132 -31.16 0.31 6.50
N LYS A 133 -32.13 -0.59 6.56
CA LYS A 133 -32.83 -1.05 5.35
C LYS A 133 -31.86 -1.62 4.30
N LEU A 134 -30.88 -2.40 4.76
CA LEU A 134 -29.94 -3.08 3.88
C LEU A 134 -29.86 -4.58 4.21
N THR A 135 -29.25 -5.34 3.31
CA THR A 135 -28.96 -6.75 3.53
C THR A 135 -27.58 -7.04 2.98
N PRO A 136 -26.98 -8.18 3.36
CA PRO A 136 -25.66 -8.53 2.82
C PRO A 136 -25.68 -8.78 1.31
N ILE A 137 -24.50 -8.65 0.69
CA ILE A 137 -24.32 -8.94 -0.74
C ILE A 137 -24.23 -10.45 -0.94
N THR A 138 -25.11 -11.01 -1.77
CA THR A 138 -25.10 -12.45 -2.03
C THR A 138 -24.38 -12.81 -3.33
N TYR A 139 -24.15 -14.12 -3.52
CA TYR A 139 -23.34 -14.62 -4.63
C TYR A 139 -23.78 -14.12 -6.03
N PRO A 140 -25.08 -14.17 -6.34
CA PRO A 140 -25.46 -13.70 -7.69
C PRO A 140 -25.22 -12.20 -7.92
N GLN A 141 -25.22 -11.40 -6.86
CA GLN A 141 -24.88 -9.98 -6.99
C GLN A 141 -23.40 -9.83 -7.37
N GLY A 142 -22.55 -10.61 -6.70
CA GLY A 142 -21.14 -10.66 -7.04
C GLY A 142 -20.91 -11.06 -8.49
N LEU A 143 -21.56 -12.14 -8.94
CA LEU A 143 -21.42 -12.59 -10.32
C LEU A 143 -21.83 -11.52 -11.33
N ALA A 144 -22.93 -10.83 -11.04
CA ALA A 144 -23.43 -9.80 -11.94
C ALA A 144 -22.46 -8.62 -12.02
N MET A 145 -21.91 -8.22 -10.87
CA MET A 145 -20.97 -7.10 -10.82
C MET A 145 -19.71 -7.45 -11.60
N ALA A 146 -19.22 -8.68 -11.42
CA ALA A 146 -18.03 -9.13 -12.16
C ALA A 146 -18.25 -9.08 -13.67
N LYS A 147 -19.43 -9.49 -14.13
CA LYS A 147 -19.74 -9.45 -15.54
C LYS A 147 -19.76 -8.00 -16.05
N GLU A 148 -20.33 -7.11 -15.25
CA GLU A 148 -20.41 -5.71 -15.63
C GLU A 148 -19.04 -5.08 -15.86
N ILE A 149 -18.09 -5.36 -14.96
CA ILE A 149 -16.77 -4.73 -15.04
C ILE A 149 -15.75 -5.58 -15.81
N GLY A 150 -16.18 -6.72 -16.33
CA GLY A 150 -15.33 -7.58 -17.13
C GLY A 150 -14.23 -8.28 -16.33
N ALA A 151 -14.51 -8.58 -15.07
CA ALA A 151 -13.59 -9.33 -14.22
C ALA A 151 -13.46 -10.77 -14.74
N VAL A 152 -12.25 -11.33 -14.69
CA VAL A 152 -12.05 -12.70 -15.20
C VAL A 152 -12.52 -13.76 -14.20
N LYS A 153 -12.65 -13.39 -12.92
CA LYS A 153 -13.24 -14.26 -11.88
C LYS A 153 -13.91 -13.43 -10.79
N TYR A 154 -14.93 -14.02 -10.16
CA TYR A 154 -15.48 -13.53 -8.89
C TYR A 154 -15.21 -14.57 -7.79
N LEU A 155 -14.63 -14.14 -6.67
CA LEU A 155 -14.27 -15.03 -5.57
C LEU A 155 -14.64 -14.46 -4.20
N GLU A 156 -15.10 -15.32 -3.29
CA GLU A 156 -15.43 -14.88 -1.91
C GLU A 156 -14.47 -15.51 -0.90
N CYS A 157 -14.11 -14.78 0.16
CA CYS A 157 -13.18 -15.32 1.15
C CYS A 157 -13.33 -14.67 2.52
N SER A 158 -12.66 -15.26 3.51
CA SER A 158 -12.58 -14.73 4.87
C SER A 158 -11.12 -14.76 5.35
N ALA A 159 -10.58 -13.58 5.69
CA ALA A 159 -9.27 -13.51 6.32
C ALA A 159 -9.29 -14.16 7.71
N LEU A 160 -10.45 -14.12 8.36
N LEU A 160 -10.45 -14.12 8.36
CA LEU A 160 -10.60 -14.60 9.73
CA LEU A 160 -10.60 -14.60 9.72
C LEU A 160 -10.51 -16.13 9.82
C LEU A 160 -10.50 -16.12 9.82
N THR A 161 -11.29 -16.81 9.00
CA THR A 161 -11.36 -18.27 8.98
C THR A 161 -10.41 -18.91 7.95
N GLN A 162 -9.93 -18.07 7.03
CA GLN A 162 -9.10 -18.45 5.87
C GLN A 162 -9.84 -19.22 4.77
N ARG A 163 -11.15 -19.38 4.94
CA ARG A 163 -11.98 -20.02 3.89
C ARG A 163 -11.86 -19.26 2.58
N GLY A 164 -11.49 -19.96 1.50
CA GLY A 164 -11.34 -19.34 0.20
C GLY A 164 -10.12 -18.46 -0.01
N LEU A 165 -9.30 -18.28 1.02
CA LEU A 165 -8.22 -17.29 0.98
C LEU A 165 -7.06 -17.67 0.01
N LYS A 166 -6.56 -18.91 0.08
CA LYS A 166 -5.48 -19.33 -0.80
C LYS A 166 -5.91 -19.34 -2.25
N THR A 167 -7.19 -19.63 -2.48
CA THR A 167 -7.74 -19.71 -3.83
C THR A 167 -7.72 -18.37 -4.56
N VAL A 168 -7.99 -17.29 -3.83
CA VAL A 168 -7.90 -15.96 -4.39
C VAL A 168 -6.53 -15.71 -5.05
N PHE A 169 -5.46 -16.01 -4.33
CA PHE A 169 -4.13 -15.68 -4.82
C PHE A 169 -3.64 -16.69 -5.85
N ASP A 170 -4.12 -17.94 -5.79
CA ASP A 170 -3.83 -18.91 -6.84
C ASP A 170 -4.43 -18.45 -8.17
N GLU A 171 -5.66 -17.97 -8.13
CA GLU A 171 -6.36 -17.56 -9.34
C GLU A 171 -5.77 -16.26 -9.89
N ALA A 172 -5.29 -15.38 -9.02
CA ALA A 172 -4.60 -14.17 -9.49
C ALA A 172 -3.39 -14.57 -10.35
N ILE A 173 -2.62 -15.54 -9.89
CA ILE A 173 -1.50 -16.04 -10.67
C ILE A 173 -1.97 -16.70 -11.98
N ARG A 174 -3.06 -17.46 -11.92
CA ARG A 174 -3.55 -18.14 -13.13
C ARG A 174 -4.09 -17.15 -14.17
N ALA A 175 -4.52 -15.97 -13.73
CA ALA A 175 -4.99 -14.95 -14.67
C ALA A 175 -3.84 -14.44 -15.53
N VAL A 176 -2.61 -14.60 -15.05
CA VAL A 176 -1.44 -14.04 -15.72
C VAL A 176 -0.68 -15.08 -16.55
N LEU A 177 -0.62 -16.31 -16.06
CA LEU A 177 0.09 -17.38 -16.76
C LEU A 177 -0.59 -17.74 -18.06
N ARG B 1 -3.11 -1.11 26.42
CA ARG B 1 -2.37 -2.11 25.67
C ARG B 1 -2.38 -1.81 24.17
N LYS B 2 -3.52 -1.38 23.66
CA LYS B 2 -3.62 -1.11 22.22
C LYS B 2 -2.75 0.07 21.82
N LYS B 3 -2.70 1.12 22.64
CA LYS B 3 -1.89 2.27 22.24
C LYS B 3 -0.41 1.91 22.22
N GLU B 4 -0.01 0.96 23.09
CA GLU B 4 1.38 0.50 23.09
C GLU B 4 1.68 -0.31 21.82
N PHE B 5 0.71 -1.09 21.34
CA PHE B 5 0.88 -1.80 20.08
C PHE B 5 1.01 -0.83 18.92
N ILE B 6 0.17 0.21 18.88
CA ILE B 6 0.24 1.19 17.80
C ILE B 6 1.59 1.91 17.80
N MET B 7 2.03 2.41 18.96
CA MET B 7 3.32 3.08 19.05
C MET B 7 4.47 2.14 18.62
N ALA B 8 4.41 0.88 19.04
CA ALA B 8 5.45 -0.06 18.64
C ALA B 8 5.49 -0.24 17.11
N GLU B 9 4.32 -0.25 16.47
CA GLU B 9 4.29 -0.45 15.02
C GLU B 9 4.81 0.82 14.33
N LEU B 10 4.48 1.98 14.88
CA LEU B 10 4.96 3.22 14.31
C LEU B 10 6.51 3.22 14.27
N LEU B 11 7.11 2.86 15.41
CA LEU B 11 8.57 2.86 15.50
C LEU B 11 9.23 1.76 14.65
N GLN B 12 8.67 0.56 14.69
N GLN B 12 8.67 0.56 14.68
CA GLN B 12 9.23 -0.56 13.93
CA GLN B 12 9.28 -0.52 13.90
C GLN B 12 9.16 -0.34 12.41
C GLN B 12 9.19 -0.25 12.40
N THR B 13 8.05 0.25 11.93
CA THR B 13 7.90 0.51 10.50
C THR B 13 8.71 1.75 10.09
N GLU B 14 8.95 2.65 11.03
CA GLU B 14 9.84 3.79 10.76
C GLU B 14 11.27 3.32 10.54
N LYS B 15 11.74 2.40 11.39
CA LYS B 15 13.08 1.84 11.22
C LYS B 15 13.20 1.10 9.88
N ALA B 16 12.15 0.35 9.52
CA ALA B 16 12.16 -0.39 8.26
C ALA B 16 12.21 0.56 7.07
N TYR B 17 11.50 1.68 7.20
CA TYR B 17 11.46 2.70 6.15
C TYR B 17 12.84 3.34 5.92
N VAL B 18 13.51 3.70 7.01
CA VAL B 18 14.86 4.25 6.94
C VAL B 18 15.83 3.24 6.30
N ARG B 19 15.74 1.98 6.72
CA ARG B 19 16.56 0.91 6.16
C ARG B 19 16.34 0.71 4.65
N ASP B 20 15.09 0.80 4.23
CA ASP B 20 14.73 0.60 2.82
C ASP B 20 15.26 1.74 1.96
N LEU B 21 15.07 2.97 2.40
CA LEU B 21 15.61 4.11 1.65
C LEU B 21 17.14 4.05 1.60
N HIS B 22 17.77 3.69 2.72
CA HIS B 22 19.22 3.52 2.74
C HIS B 22 19.67 2.49 1.68
N GLU B 23 18.99 1.35 1.61
CA GLU B 23 19.34 0.31 0.63
C GLU B 23 19.18 0.82 -0.81
N CYS B 24 18.10 1.54 -1.09
CA CYS B 24 17.85 2.09 -2.42
C CYS B 24 18.98 3.04 -2.84
N LEU B 25 19.40 3.90 -1.92
CA LEU B 25 20.46 4.88 -2.19
C LEU B 25 21.82 4.22 -2.42
N GLU B 26 22.09 3.15 -1.69
CA GLU B 26 23.43 2.57 -1.76
C GLU B 26 23.55 1.46 -2.79
N THR B 27 22.45 1.13 -3.46
CA THR B 27 22.48 0.15 -4.54
C THR B 27 22.09 0.77 -5.88
N TYR B 28 20.80 0.99 -6.08
CA TYR B 28 20.32 1.48 -7.37
C TYR B 28 20.94 2.86 -7.71
N LEU B 29 21.01 3.75 -6.72
CA LEU B 29 21.60 5.07 -6.98
C LEU B 29 23.13 5.01 -7.09
N TRP B 30 23.79 4.33 -6.15
CA TRP B 30 25.26 4.28 -6.17
C TRP B 30 25.79 3.72 -7.51
N GLU B 31 25.03 2.83 -8.14
CA GLU B 31 25.46 2.24 -9.41
C GLU B 31 25.53 3.27 -10.53
N MET B 32 24.58 4.20 -10.53
CA MET B 32 24.55 5.24 -11.56
C MET B 32 25.69 6.23 -11.39
N THR B 33 25.99 6.59 -10.14
CA THR B 33 26.88 7.68 -9.85
C THR B 33 28.31 7.24 -9.57
N SER B 34 28.48 5.97 -9.22
CA SER B 34 29.79 5.44 -8.84
C SER B 34 30.82 5.62 -9.94
N GLY B 35 30.37 5.49 -11.18
CA GLY B 35 31.29 5.46 -12.31
C GLY B 35 32.01 4.13 -12.31
N VAL B 36 31.28 3.07 -12.00
CA VAL B 36 31.86 1.73 -11.95
C VAL B 36 31.31 0.83 -13.08
N GLU B 37 30.17 1.21 -13.66
CA GLU B 37 29.55 0.39 -14.71
C GLU B 37 29.14 1.17 -15.97
N GLU B 38 28.19 0.62 -16.71
CA GLU B 38 27.80 1.16 -18.01
C GLU B 38 26.32 1.57 -18.06
N ILE B 39 26.08 2.88 -18.10
CA ILE B 39 24.73 3.42 -18.03
C ILE B 39 24.20 3.80 -19.41
N PRO B 40 22.93 3.48 -19.69
CA PRO B 40 22.36 3.81 -21.00
C PRO B 40 22.35 5.32 -21.22
N PRO B 41 22.64 5.79 -22.45
CA PRO B 41 22.66 7.24 -22.68
C PRO B 41 21.30 7.90 -22.43
N GLY B 42 20.22 7.11 -22.50
CA GLY B 42 18.89 7.61 -22.26
C GLY B 42 18.63 8.07 -20.83
N ILE B 43 19.43 7.57 -19.89
CA ILE B 43 19.29 7.95 -18.49
C ILE B 43 20.56 8.57 -17.89
N LEU B 44 21.66 8.49 -18.63
CA LEU B 44 22.95 9.02 -18.17
C LEU B 44 22.79 10.45 -17.66
N ASN B 45 23.31 10.70 -16.46
CA ASN B 45 23.22 12.03 -15.82
C ASN B 45 21.80 12.49 -15.48
N LYS B 46 20.83 11.60 -15.51
CA LYS B 46 19.46 11.98 -15.18
C LYS B 46 18.96 11.36 -13.88
N GLU B 47 19.88 11.16 -12.94
CA GLU B 47 19.54 10.53 -11.66
C GLU B 47 18.60 11.40 -10.82
N HIS B 48 18.68 12.72 -10.98
CA HIS B 48 17.78 13.58 -10.22
C HIS B 48 16.31 13.47 -10.67
N ILE B 49 16.08 13.05 -11.91
CA ILE B 49 14.70 12.82 -12.35
C ILE B 49 14.21 11.47 -11.83
N ILE B 50 15.08 10.47 -11.94
CA ILE B 50 14.73 9.12 -11.50
C ILE B 50 14.44 9.02 -10.00
N PHE B 51 15.31 9.61 -9.18
CA PHE B 51 15.20 9.46 -7.73
C PHE B 51 14.54 10.65 -7.03
N GLY B 52 14.25 11.71 -7.77
CA GLY B 52 13.71 12.91 -7.17
C GLY B 52 14.54 13.42 -6.00
N ASN B 53 13.87 13.81 -4.92
CA ASN B 53 14.55 14.29 -3.73
C ASN B 53 14.56 13.25 -2.63
N ILE B 54 14.69 11.98 -3.00
CA ILE B 54 14.62 10.91 -2.01
C ILE B 54 15.83 10.95 -1.07
N GLN B 55 16.96 11.47 -1.55
CA GLN B 55 18.13 11.71 -0.68
C GLN B 55 17.77 12.62 0.50
N GLU B 56 17.12 13.75 0.19
CA GLU B 56 16.71 14.73 1.19
C GLU B 56 15.67 14.14 2.14
N ILE B 57 14.79 13.29 1.62
CA ILE B 57 13.76 12.68 2.46
C ILE B 57 14.41 11.68 3.42
N TYR B 58 15.33 10.87 2.90
CA TYR B 58 16.11 9.96 3.74
C TYR B 58 16.88 10.70 4.85
N ASP B 59 17.54 11.80 4.50
CA ASP B 59 18.34 12.55 5.48
C ASP B 59 17.45 13.01 6.62
N PHE B 60 16.24 13.49 6.30
CA PHE B 60 15.32 13.93 7.34
C PHE B 60 14.93 12.79 8.29
N HIS B 61 14.55 11.63 7.77
CA HIS B 61 14.11 10.57 8.67
C HIS B 61 15.29 9.93 9.41
N ASN B 62 16.42 9.75 8.72
CA ASN B 62 17.63 9.19 9.34
C ASN B 62 18.26 10.12 10.38
N ASN B 63 18.37 11.41 10.08
CA ASN B 63 19.03 12.36 10.99
C ASN B 63 18.12 12.88 12.11
N ILE B 64 16.82 13.01 11.84
CA ILE B 64 15.95 13.73 12.77
C ILE B 64 14.71 12.93 13.21
N PHE B 65 13.86 12.53 12.27
CA PHE B 65 12.50 12.10 12.66
C PHE B 65 12.45 10.76 13.40
N LEU B 66 13.26 9.76 13.00
CA LEU B 66 13.25 8.49 13.76
C LEU B 66 13.76 8.74 15.19
N LYS B 67 14.79 9.56 15.34
CA LYS B 67 15.28 9.87 16.69
C LYS B 67 14.24 10.58 17.54
N GLU B 68 13.46 11.47 16.93
CA GLU B 68 12.46 12.20 17.72
C GLU B 68 11.24 11.33 18.04
N LEU B 69 10.80 10.47 17.11
CA LEU B 69 9.74 9.50 17.40
C LEU B 69 10.13 8.56 18.56
N GLU B 70 11.39 8.13 18.60
CA GLU B 70 11.90 7.29 19.68
CA GLU B 70 11.87 7.28 19.68
C GLU B 70 11.74 7.96 21.05
N LYS B 71 11.89 9.28 21.10
CA LYS B 71 11.76 10.02 22.36
C LYS B 71 10.30 10.02 22.86
N TYR B 72 9.36 9.72 21.95
CA TYR B 72 7.94 9.67 22.30
C TYR B 72 7.48 8.25 22.65
N GLU B 73 8.39 7.28 22.70
CA GLU B 73 7.98 5.87 22.87
C GLU B 73 7.10 5.61 24.10
N GLN B 74 7.41 6.26 25.22
CA GLN B 74 6.60 6.08 26.42
C GLN B 74 5.54 7.16 26.57
N LEU B 75 5.33 7.93 25.52
CA LEU B 75 4.37 9.04 25.52
C LEU B 75 3.49 8.98 24.29
N PRO B 76 2.90 7.80 24.00
CA PRO B 76 2.14 7.64 22.76
C PRO B 76 0.98 8.62 22.60
N GLU B 77 0.30 9.02 23.69
CA GLU B 77 -0.78 10.00 23.61
C GLU B 77 -0.32 11.41 23.18
N ASP B 78 0.99 11.64 23.23
CA ASP B 78 1.53 12.95 22.87
C ASP B 78 2.18 12.99 21.47
N VAL B 79 2.26 11.86 20.77
CA VAL B 79 3.12 11.77 19.58
C VAL B 79 2.59 12.62 18.41
N GLY B 80 1.35 13.07 18.48
CA GLY B 80 0.84 13.98 17.47
C GLY B 80 1.69 15.25 17.38
N HIS B 81 2.26 15.65 18.51
CA HIS B 81 3.12 16.84 18.56
C HIS B 81 4.40 16.72 17.72
N CYS B 82 4.91 15.50 17.55
CA CYS B 82 6.12 15.28 16.76
C CYS B 82 5.87 15.77 15.33
N PHE B 83 4.67 15.51 14.84
CA PHE B 83 4.31 15.87 13.47
C PHE B 83 4.05 17.37 13.33
N VAL B 84 3.55 18.00 14.39
CA VAL B 84 3.37 19.44 14.38
C VAL B 84 4.74 20.13 14.34
N THR B 85 5.66 19.67 15.19
CA THR B 85 7.00 20.26 15.27
C THR B 85 7.73 20.27 13.93
N TRP B 86 7.69 19.14 13.23
CA TRP B 86 8.49 18.98 12.02
C TRP B 86 7.65 19.10 10.75
N ALA B 87 6.52 19.80 10.86
CA ALA B 87 5.56 19.93 9.76
C ALA B 87 6.19 20.46 8.46
N ASP B 88 7.06 21.46 8.58
CA ASP B 88 7.72 22.06 7.43
C ASP B 88 8.52 21.04 6.61
N LYS B 89 9.19 20.13 7.30
CA LYS B 89 10.02 19.13 6.62
C LYS B 89 9.20 18.25 5.65
N PHE B 90 7.95 17.97 6.03
CA PHE B 90 7.12 17.04 5.26
C PHE B 90 6.71 17.64 3.91
N GLN B 91 6.95 18.94 3.73
CA GLN B 91 6.72 19.56 2.44
C GLN B 91 7.56 18.92 1.33
N MET B 92 8.65 18.23 1.68
CA MET B 92 9.47 17.57 0.66
C MET B 92 8.67 16.52 -0.10
N TYR B 93 7.66 15.96 0.56
CA TYR B 93 6.89 14.89 -0.07
C TYR B 93 6.07 15.43 -1.25
N VAL B 94 5.70 16.70 -1.19
CA VAL B 94 4.97 17.34 -2.30
C VAL B 94 5.85 17.35 -3.55
N THR B 95 7.10 17.73 -3.37
CA THR B 95 8.09 17.73 -4.46
C THR B 95 8.31 16.32 -4.99
N TYR B 96 8.37 15.35 -4.09
CA TYR B 96 8.61 13.97 -4.48
C TYR B 96 7.46 13.39 -5.32
N CYS B 97 6.22 13.58 -4.87
CA CYS B 97 5.07 13.02 -5.57
C CYS B 97 4.90 13.67 -6.94
N LYS B 98 5.11 14.97 -7.02
CA LYS B 98 4.97 15.68 -8.28
C LYS B 98 5.85 15.08 -9.37
N ASN B 99 7.05 14.67 -8.97
CA ASN B 99 8.06 14.19 -9.91
C ASN B 99 7.93 12.70 -10.27
N LYS B 100 7.15 11.95 -9.48
CA LYS B 100 7.06 10.50 -9.61
C LYS B 100 6.66 9.98 -11.00
N PRO B 101 5.63 10.57 -11.63
CA PRO B 101 5.31 10.15 -13.00
C PRO B 101 6.49 10.30 -13.98
N ASP B 102 7.18 11.44 -13.95
CA ASP B 102 8.34 11.61 -14.84
C ASP B 102 9.39 10.54 -14.56
N SER B 103 9.58 10.19 -13.29
CA SER B 103 10.53 9.16 -12.93
C SER B 103 10.15 7.81 -13.54
N ASN B 104 8.91 7.41 -13.36
CA ASN B 104 8.43 6.14 -13.90
C ASN B 104 8.55 6.12 -15.42
N GLN B 105 8.13 7.22 -16.04
CA GLN B 105 8.14 7.35 -17.51
C GLN B 105 9.56 7.26 -18.08
N LEU B 106 10.51 7.87 -17.39
CA LEU B 106 11.90 7.86 -17.86
C LEU B 106 12.49 6.47 -17.73
N ILE B 107 12.24 5.81 -16.61
CA ILE B 107 12.73 4.45 -16.39
C ILE B 107 12.16 3.50 -17.45
N LEU B 108 10.87 3.62 -17.74
CA LEU B 108 10.21 2.71 -18.67
C LEU B 108 10.70 2.91 -20.11
N GLU B 109 11.00 4.15 -20.48
CA GLU B 109 11.34 4.47 -21.87
C GLU B 109 12.80 4.32 -22.22
N HIS B 110 13.70 4.57 -21.26
CA HIS B 110 15.12 4.66 -21.57
C HIS B 110 16.04 3.83 -20.67
N ALA B 111 15.48 3.18 -19.65
CA ALA B 111 16.32 2.47 -18.69
C ALA B 111 16.66 1.06 -19.14
N GLY B 112 15.81 0.48 -19.99
CA GLY B 112 16.00 -0.90 -20.41
C GLY B 112 16.03 -1.83 -19.22
N THR B 113 17.00 -2.75 -19.20
CA THR B 113 17.11 -3.70 -18.09
C THR B 113 18.17 -3.29 -17.06
N PHE B 114 18.66 -2.06 -17.18
CA PHE B 114 19.78 -1.59 -16.35
C PHE B 114 19.51 -1.77 -14.85
N PHE B 115 18.35 -1.33 -14.38
CA PHE B 115 18.04 -1.42 -12.95
C PHE B 115 17.64 -2.85 -12.57
N ASP B 116 16.98 -3.55 -13.49
CA ASP B 116 16.69 -4.96 -13.28
C ASP B 116 17.98 -5.79 -13.13
N GLU B 117 18.97 -5.50 -13.97
CA GLU B 117 20.27 -6.15 -13.85
C GLU B 117 20.91 -5.86 -12.50
N ILE B 118 20.87 -4.59 -12.09
CA ILE B 118 21.37 -4.18 -10.78
C ILE B 118 20.69 -4.96 -9.64
N GLN B 119 19.38 -5.17 -9.75
CA GLN B 119 18.64 -5.89 -8.71
C GLN B 119 19.13 -7.34 -8.58
N GLN B 120 19.33 -7.99 -9.72
CA GLN B 120 19.81 -9.38 -9.75
C GLN B 120 21.17 -9.53 -9.10
N ARG B 121 22.09 -8.62 -9.43
CA ARG B 121 23.45 -8.71 -8.94
C ARG B 121 23.54 -8.49 -7.41
N HIS B 122 22.58 -7.77 -6.85
CA HIS B 122 22.58 -7.53 -5.41
C HIS B 122 21.63 -8.46 -4.66
N GLY B 123 20.86 -9.25 -5.41
CA GLY B 123 19.92 -10.18 -4.81
C GLY B 123 18.81 -9.51 -4.01
N LEU B 124 18.37 -8.35 -4.48
CA LEU B 124 17.31 -7.60 -3.81
C LEU B 124 15.95 -8.16 -4.18
N ALA B 125 15.09 -8.34 -3.18
CA ALA B 125 13.73 -8.81 -3.41
C ALA B 125 12.86 -7.69 -3.97
N ASN B 126 13.21 -6.46 -3.63
CA ASN B 126 12.50 -5.28 -4.10
C ASN B 126 13.15 -4.61 -5.32
N SER B 127 12.33 -4.40 -6.36
CA SER B 127 12.75 -3.69 -7.56
C SER B 127 12.96 -2.21 -7.27
N ILE B 128 13.52 -1.47 -8.21
CA ILE B 128 13.65 -0.03 -8.01
C ILE B 128 12.26 0.61 -7.94
N SER B 129 11.29 0.11 -8.71
CA SER B 129 9.94 0.63 -8.65
C SER B 129 9.31 0.36 -7.29
N SER B 130 9.63 -0.79 -6.70
CA SER B 130 9.12 -1.11 -5.37
C SER B 130 9.68 -0.15 -4.30
N TYR B 131 10.94 0.27 -4.46
CA TYR B 131 11.52 1.20 -3.49
C TYR B 131 10.99 2.62 -3.68
N LEU B 132 10.88 3.05 -4.93
CA LEU B 132 10.51 4.43 -5.24
C LEU B 132 9.05 4.77 -4.91
N ILE B 133 8.20 3.76 -4.72
CA ILE B 133 6.80 3.98 -4.33
C ILE B 133 6.69 4.21 -2.80
N LYS B 134 7.74 3.86 -2.06
CA LYS B 134 7.61 3.81 -0.61
C LYS B 134 7.38 5.16 0.07
N PRO B 135 7.99 6.24 -0.44
CA PRO B 135 7.65 7.54 0.16
C PRO B 135 6.17 7.90 -0.05
N VAL B 136 5.59 7.49 -1.16
CA VAL B 136 4.17 7.75 -1.42
C VAL B 136 3.32 6.96 -0.42
N GLN B 137 3.73 5.73 -0.14
CA GLN B 137 3.02 4.90 0.81
C GLN B 137 3.18 5.46 2.23
N ARG B 138 4.40 5.87 2.57
CA ARG B 138 4.69 6.28 3.95
C ARG B 138 3.94 7.56 4.32
N VAL B 139 3.90 8.52 3.41
CA VAL B 139 3.27 9.81 3.74
C VAL B 139 1.73 9.69 3.84
N THR B 140 1.15 8.61 3.32
CA THR B 140 -0.29 8.37 3.48
C THR B 140 -0.62 7.37 4.60
N LYS B 141 0.41 6.85 5.26
CA LYS B 141 0.23 5.87 6.33
C LYS B 141 0.18 6.51 7.73
N TYR B 142 0.88 7.63 7.91
CA TYR B 142 0.94 8.23 9.24
C TYR B 142 -0.45 8.61 9.76
N GLN B 143 -1.33 9.10 8.88
CA GLN B 143 -2.67 9.50 9.31
C GLN B 143 -3.47 8.28 9.83
N LEU B 144 -3.24 7.11 9.25
CA LEU B 144 -3.95 5.90 9.71
C LEU B 144 -3.56 5.54 11.14
N LEU B 145 -2.27 5.69 11.44
CA LEU B 145 -1.76 5.35 12.77
C LEU B 145 -2.25 6.36 13.81
N LEU B 146 -2.29 7.63 13.43
CA LEU B 146 -2.82 8.67 14.34
C LEU B 146 -4.33 8.47 14.62
N LYS B 147 -5.10 8.10 13.59
CA LYS B 147 -6.51 7.77 13.77
C LYS B 147 -6.68 6.58 14.72
N GLU B 148 -5.80 5.58 14.61
CA GLU B 148 -5.88 4.43 15.50
C GLU B 148 -5.67 4.88 16.94
N LEU B 149 -4.72 5.78 17.17
CA LEU B 149 -4.43 6.23 18.54
C LEU B 149 -5.63 7.00 19.11
N LEU B 150 -6.37 7.68 18.25
CA LEU B 150 -7.55 8.42 18.71
C LEU B 150 -8.65 7.49 19.23
N THR B 151 -8.67 6.23 18.80
CA THR B 151 -9.69 5.29 19.27
C THR B 151 -9.40 4.72 20.65
N CYS B 152 -8.20 4.95 21.19
CA CYS B 152 -7.83 4.35 22.46
C CYS B 152 -7.03 5.27 23.39
N CYS B 153 -7.05 6.57 23.12
CA CYS B 153 -6.40 7.53 24.03
C CYS B 153 -7.45 8.47 24.63
N GLU B 154 -7.57 8.47 25.95
CA GLU B 154 -8.44 9.41 26.65
C GLU B 154 -7.76 10.77 26.70
N GLU B 155 -6.68 10.84 27.47
CA GLU B 155 -5.75 11.96 27.39
C GLU B 155 -4.55 11.51 26.56
N GLY B 156 -4.05 12.39 25.69
CA GLY B 156 -4.68 13.67 25.43
C GLY B 156 -5.04 13.73 23.96
N LYS B 157 -6.34 13.68 23.69
CA LYS B 157 -6.84 13.67 22.31
C LYS B 157 -6.43 14.93 21.55
N GLY B 158 -6.32 16.05 22.27
CA GLY B 158 -5.93 17.32 21.67
C GLY B 158 -4.63 17.26 20.89
N GLU B 159 -3.59 16.68 21.49
CA GLU B 159 -2.29 16.58 20.84
C GLU B 159 -2.38 15.75 19.56
N LEU B 160 -3.12 14.65 19.62
CA LEU B 160 -3.26 13.77 18.47
C LEU B 160 -4.02 14.46 17.33
N LYS B 161 -5.10 15.16 17.66
CA LYS B 161 -5.90 15.87 16.67
C LYS B 161 -5.10 16.86 15.82
N ASP B 162 -4.29 17.69 16.47
CA ASP B 162 -3.45 18.65 15.76
C ASP B 162 -2.45 17.94 14.84
N GLY B 163 -1.84 16.85 15.31
CA GLY B 163 -0.93 16.07 14.50
C GLY B 163 -1.62 15.44 13.30
N LEU B 164 -2.81 14.87 13.53
CA LEU B 164 -3.59 14.27 12.46
C LEU B 164 -3.93 15.31 11.37
N GLU B 165 -4.32 16.50 11.79
CA GLU B 165 -4.65 17.61 10.89
C GLU B 165 -3.47 17.90 9.95
N VAL B 166 -2.27 17.91 10.51
CA VAL B 166 -1.05 18.09 9.73
C VAL B 166 -0.89 16.97 8.70
N MET B 167 -1.10 15.73 9.14
CA MET B 167 -0.78 14.57 8.30
C MET B 167 -1.94 14.18 7.36
N LEU B 168 -3.03 14.96 7.41
CA LEU B 168 -4.05 14.94 6.37
C LEU B 168 -3.77 16.04 5.34
N SER B 169 -3.25 17.18 5.79
CA SER B 169 -2.97 18.31 4.90
C SER B 169 -1.82 18.03 3.93
N VAL B 170 -0.78 17.36 4.42
CA VAL B 170 0.42 17.09 3.62
C VAL B 170 0.13 16.21 2.39
N PRO B 171 -0.50 15.04 2.61
CA PRO B 171 -0.83 14.25 1.42
C PRO B 171 -1.91 14.88 0.56
N LYS B 172 -2.81 15.67 1.15
CA LYS B 172 -3.79 16.39 0.34
C LYS B 172 -3.11 17.43 -0.56
N LYS B 173 -2.14 18.15 -0.01
CA LYS B 173 -1.41 19.15 -0.79
C LYS B 173 -0.59 18.49 -1.90
N ALA B 174 0.03 17.35 -1.57
CA ALA B 174 0.77 16.56 -2.55
C ALA B 174 -0.16 16.05 -3.66
N ASN B 175 -1.34 15.56 -3.28
CA ASN B 175 -2.35 15.12 -4.24
C ASN B 175 -2.75 16.25 -5.18
N ASP B 176 -3.00 17.42 -4.61
CA ASP B 176 -3.52 18.54 -5.38
C ASP B 176 -2.46 19.16 -6.28
N ALA B 177 -1.20 18.78 -6.06
CA ALA B 177 -0.09 19.27 -6.88
C ALA B 177 0.16 18.41 -8.13
N MET B 178 -0.48 17.25 -8.21
CA MET B 178 -0.34 16.37 -9.36
C MET B 178 -1.05 16.95 -10.60
N HIS B 179 -0.44 16.82 -11.77
CA HIS B 179 -1.03 17.35 -12.99
C HIS B 179 -2.11 16.43 -13.56
C1 EDO C . -15.86 -16.73 -11.44
O1 EDO C . -16.62 -15.56 -11.75
C2 EDO C . -16.74 -17.67 -10.65
O2 EDO C . -16.10 -18.95 -10.65
C1 EDO D . -26.10 -18.62 2.49
O1 EDO D . -25.66 -17.54 3.32
C2 EDO D . -25.94 -19.99 3.16
O2 EDO D . -26.18 -19.93 4.56
H11 EDO D . -27.15 -18.46 2.24
H12 EDO D . -25.52 -18.61 1.56
HO1 EDO D . -25.78 -16.70 2.86
H21 EDO D . -26.65 -20.70 2.70
H22 EDO D . -24.94 -20.37 2.98
HO2 EDO D . -26.09 -20.80 4.95
PB GDP E . -8.27 -2.09 5.16
O1B GDP E . -6.81 -2.49 5.17
O2B GDP E . -8.53 -0.71 5.71
O3B GDP E . -9.01 -2.27 3.84
O3A GDP E . -8.97 -3.14 6.21
PA GDP E . -8.26 -3.95 7.43
O1A GDP E . -7.43 -5.09 6.94
O2A GDP E . -7.60 -2.94 8.34
O5' GDP E . -9.56 -4.57 8.21
C5' GDP E . -10.65 -3.71 8.60
C4' GDP E . -11.43 -4.33 9.75
O4' GDP E . -12.17 -5.47 9.29
C3' GDP E . -10.52 -4.80 10.88
O3' GDP E . -11.08 -4.40 12.13
C2' GDP E . -10.56 -6.32 10.81
O2' GDP E . -10.67 -6.91 12.10
C1' GDP E . -11.87 -6.60 10.10
N9 GDP E . -11.71 -7.76 9.21
C8 GDP E . -10.82 -7.85 8.21
N7 GDP E . -10.98 -9.06 7.58
C5 GDP E . -11.96 -9.73 8.19
C6 GDP E . -12.62 -11.06 8.04
O6 GDP E . -12.26 -11.84 7.15
N1 GDP E . -13.60 -11.37 8.88
C2 GDP E . -14.02 -10.53 9.86
N2 GDP E . -15.03 -10.91 10.69
N3 GDP E . -13.46 -9.31 10.06
C4 GDP E . -12.44 -8.87 9.28
C1 EDO F . 4.02 -4.16 15.90
O1 EDO F . 3.56 -3.81 17.22
C2 EDO F . 5.54 -4.15 15.87
O2 EDO F . 5.98 -4.42 14.53
C1 EDO G . 5.43 2.82 4.63
O1 EDO G . 5.59 2.17 5.90
C2 EDO G . 5.77 1.89 3.48
O2 EDO G . 4.95 0.71 3.56
H11 EDO G . 4.40 3.17 4.53
H12 EDO G . 6.07 3.71 4.59
HO1 EDO G . 5.37 2.79 6.61
H21 EDO G . 5.60 2.40 2.52
H22 EDO G . 6.82 1.60 3.53
HO2 EDO G . 5.17 0.12 2.82
C1 EDO H . 16.71 16.69 16.72
O1 EDO H . 17.47 17.39 17.71
C2 EDO H . 17.33 15.34 16.41
O2 EDO H . 17.27 14.43 17.53
H11 EDO H . 15.69 16.55 17.08
H12 EDO H . 16.66 17.28 15.81
HO1 EDO H . 17.05 18.25 17.89
H21 EDO H . 16.82 14.88 15.56
H22 EDO H . 18.38 15.47 16.12
HO2 EDO H . 17.68 13.59 17.28
C1 EDO I . -7.03 -1.06 25.37
O1 EDO I . -5.74 -0.47 25.60
C2 EDO I . -6.85 -2.42 24.69
O2 EDO I . -6.73 -3.44 25.68
H11 EDO I . -7.55 -1.18 26.31
H12 EDO I . -7.62 -0.41 24.73
HO1 EDO I . -5.85 0.39 26.02
H21 EDO I . -7.71 -2.63 24.05
H22 EDO I . -5.96 -2.40 24.06
HO2 EDO I . -6.61 -4.30 25.26
#